data_1XUA
#
_entry.id   1XUA
#
_cell.length_a   92.950
_cell.length_b   100.430
_cell.length_c   57.490
_cell.angle_alpha   90.00
_cell.angle_beta   90.00
_cell.angle_gamma   90.00
#
_symmetry.space_group_name_H-M   'P 21 21 2'
#
loop_
_entity.id
_entity.type
_entity.pdbx_description
1 polymer 'Phenazine biosynthesis protein phzF'
2 non-polymer '(2S,3S)-TRANS-2,3-DIHYDRO-3-HYDROXYANTHRANILIC ACID'
3 water water
#
_entity_poly.entity_id   1
_entity_poly.type   'polypeptide(L)'
_entity_poly.pdbx_seq_one_letter_code
;MGSSHHHHHHSSGLVPRGSHMHNYVIIDAFASVPLEGNPVAVFFDADDLPPAQMQRIAREMNLSESTFVLKPRNGGDALI
RIFTPVNELPFAGHPLLGTAIALGAHTDNHRLYLETQMGTIAFELERQNGSVIAASMDQPIPTWTALGRDAELLKALGIS
DSTFPIEIYHNGPRHVFVGLPSIDALSALHPDHRALSNFHDMAINCFAGAGRRWRSRMFSPAYGVVEDAATGSAAGPLAI
HLARHGQIEFGQPVEILQGVEIGRPSLMFAKAEGRAEQLTRVEVSGNGVTFGRGTIVL
;
_entity_poly.pdbx_strand_id   A,B
#
loop_
_chem_comp.id
_chem_comp.type
_chem_comp.name
_chem_comp.formula
HHA non-polymer '(2S,3S)-TRANS-2,3-DIHYDRO-3-HYDROXYANTHRANILIC ACID' 'C7 H9 N O3'
#
# COMPACT_ATOMS: atom_id res chain seq x y z
N MET A 21 1.42 -23.84 -3.61
CA MET A 21 1.53 -22.48 -4.32
C MET A 21 0.14 -21.99 -4.71
N HIS A 22 -0.22 -20.72 -4.44
CA HIS A 22 -1.58 -20.30 -4.69
C HIS A 22 -1.70 -19.36 -5.84
N ASN A 23 -2.69 -19.61 -6.72
CA ASN A 23 -3.03 -18.64 -7.72
C ASN A 23 -3.79 -17.43 -7.14
N TYR A 24 -3.58 -16.26 -7.72
CA TYR A 24 -4.38 -15.10 -7.41
C TYR A 24 -4.70 -14.25 -8.64
N VAL A 25 -5.80 -13.48 -8.56
N VAL A 25 -5.75 -13.44 -8.51
CA VAL A 25 -6.08 -12.46 -9.56
CA VAL A 25 -6.16 -12.49 -9.54
C VAL A 25 -6.22 -11.08 -8.90
C VAL A 25 -6.23 -11.09 -8.89
N ILE A 26 -5.75 -10.06 -9.58
CA ILE A 26 -5.95 -8.68 -9.16
C ILE A 26 -7.13 -8.11 -9.92
N ILE A 27 -8.22 -7.81 -9.21
CA ILE A 27 -9.37 -7.15 -9.75
C ILE A 27 -9.43 -5.67 -9.36
N ASP A 28 -9.67 -4.82 -10.35
CA ASP A 28 -9.98 -3.45 -10.10
C ASP A 28 -11.51 -3.32 -9.93
N ALA A 29 -11.91 -3.19 -8.66
CA ALA A 29 -13.32 -3.12 -8.34
C ALA A 29 -13.84 -1.69 -8.47
N PHE A 30 -15.10 -1.60 -8.87
CA PHE A 30 -15.82 -0.32 -9.12
C PHE A 30 -15.08 0.48 -10.26
N ALA A 31 -14.70 -0.27 -11.28
CA ALA A 31 -14.05 0.28 -12.47
C ALA A 31 -14.36 -0.53 -13.73
N SER A 32 -14.30 0.18 -14.88
N SER A 32 -14.23 0.13 -14.89
CA SER A 32 -14.59 -0.33 -16.21
CA SER A 32 -14.40 -0.52 -16.18
C SER A 32 -13.34 -0.30 -17.09
C SER A 32 -13.07 -0.67 -16.96
N VAL A 33 -12.20 0.04 -16.49
N VAL A 33 -12.02 -0.02 -16.47
CA VAL A 33 -10.87 0.04 -17.12
CA VAL A 33 -10.78 -0.03 -17.18
C VAL A 33 -9.79 -0.31 -16.08
C VAL A 33 -9.72 -0.23 -16.13
N PRO A 34 -8.71 -1.05 -16.42
CA PRO A 34 -7.64 -1.26 -15.43
C PRO A 34 -6.95 0.08 -15.05
N LEU A 35 -6.39 0.12 -13.83
CA LEU A 35 -5.79 1.29 -13.19
C LEU A 35 -6.80 2.33 -12.64
N GLU A 36 -8.09 2.14 -12.85
CA GLU A 36 -9.11 2.89 -12.12
C GLU A 36 -9.75 1.90 -11.05
N GLY A 37 -10.67 2.42 -10.24
CA GLY A 37 -11.16 1.65 -9.11
C GLY A 37 -10.17 1.35 -8.01
N ASN A 38 -10.50 0.31 -7.24
CA ASN A 38 -9.78 -0.11 -6.05
C ASN A 38 -9.34 -1.56 -6.21
N PRO A 39 -8.03 -1.79 -6.23
CA PRO A 39 -7.55 -3.15 -6.41
C PRO A 39 -7.87 -4.06 -5.20
N VAL A 40 -8.18 -5.30 -5.52
CA VAL A 40 -8.17 -6.39 -4.52
C VAL A 40 -7.48 -7.57 -5.08
N ALA A 41 -6.66 -8.20 -4.25
CA ALA A 41 -6.04 -9.50 -4.62
C ALA A 41 -6.91 -10.65 -4.09
N VAL A 42 -7.36 -11.58 -4.97
CA VAL A 42 -8.28 -12.66 -4.61
C VAL A 42 -7.48 -13.96 -4.74
N PHE A 43 -7.27 -14.66 -3.60
CA PHE A 43 -6.46 -15.89 -3.55
C PHE A 43 -7.37 -17.12 -3.59
N PHE A 44 -7.08 -18.02 -4.52
CA PHE A 44 -7.83 -19.25 -4.73
C PHE A 44 -7.30 -20.47 -3.95
N ASP A 45 -8.21 -21.42 -3.71
CA ASP A 45 -7.87 -22.70 -3.02
C ASP A 45 -7.09 -22.50 -1.73
N ALA A 46 -7.60 -21.62 -0.88
CA ALA A 46 -6.89 -21.17 0.29
C ALA A 46 -7.13 -22.01 1.55
N ASP A 47 -7.79 -23.16 1.41
CA ASP A 47 -8.13 -24.00 2.60
C ASP A 47 -6.98 -24.47 3.48
N ASP A 48 -5.77 -24.47 2.91
CA ASP A 48 -4.58 -25.00 3.58
C ASP A 48 -3.88 -23.90 4.36
N LEU A 49 -4.35 -22.65 4.21
CA LEU A 49 -3.69 -21.54 4.83
C LEU A 49 -4.29 -21.23 6.23
N PRO A 50 -3.49 -21.20 7.28
CA PRO A 50 -3.96 -20.72 8.58
C PRO A 50 -4.28 -19.25 8.54
N PRO A 51 -5.24 -18.80 9.32
CA PRO A 51 -5.60 -17.37 9.32
C PRO A 51 -4.44 -16.43 9.62
N ALA A 52 -3.49 -16.83 10.46
CA ALA A 52 -2.35 -15.95 10.72
C ALA A 52 -1.55 -15.73 9.42
N GLN A 53 -1.44 -16.77 8.63
CA GLN A 53 -0.73 -16.69 7.33
C GLN A 53 -1.50 -15.83 6.31
N MET A 54 -2.81 -15.95 6.29
CA MET A 54 -3.64 -15.08 5.43
C MET A 54 -3.39 -13.60 5.78
N GLN A 55 -3.28 -13.31 7.07
CA GLN A 55 -3.04 -11.95 7.49
C GLN A 55 -1.65 -11.48 7.02
N ARG A 56 -0.68 -12.38 7.08
CA ARG A 56 0.68 -12.02 6.61
C ARG A 56 0.71 -11.74 5.11
N ILE A 57 -0.03 -12.54 4.37
CA ILE A 57 -0.09 -12.40 2.89
C ILE A 57 -0.78 -11.07 2.57
N ALA A 58 -1.82 -10.74 3.34
CA ALA A 58 -2.45 -9.41 3.14
C ALA A 58 -1.51 -8.23 3.37
N ARG A 59 -0.70 -8.36 4.41
N ARG A 59 -0.68 -8.29 4.41
CA ARG A 59 0.33 -7.39 4.75
CA ARG A 59 0.32 -7.22 4.62
C ARG A 59 1.37 -7.27 3.60
C ARG A 59 1.35 -7.23 3.50
N GLU A 60 1.72 -8.42 3.01
CA GLU A 60 2.66 -8.50 1.90
C GLU A 60 2.12 -7.77 0.66
N MET A 61 0.85 -7.98 0.33
CA MET A 61 0.26 -7.42 -0.86
C MET A 61 0.06 -5.90 -0.72
N ASN A 62 -0.21 -5.48 0.53
CA ASN A 62 -0.39 -4.05 0.90
C ASN A 62 -1.56 -3.35 0.13
N LEU A 63 -2.54 -4.08 -0.37
CA LEU A 63 -3.69 -3.41 -0.95
C LEU A 63 -4.67 -3.19 0.18
N SER A 64 -5.72 -2.38 -0.05
CA SER A 64 -6.67 -2.11 1.03
C SER A 64 -7.22 -3.41 1.63
N GLU A 65 -7.45 -4.43 0.80
CA GLU A 65 -7.80 -5.76 1.26
C GLU A 65 -7.30 -6.83 0.25
N SER A 66 -7.02 -8.03 0.79
CA SER A 66 -6.84 -9.29 0.06
C SER A 66 -7.90 -10.27 0.57
N THR A 67 -8.43 -11.12 -0.29
CA THR A 67 -9.41 -12.11 0.12
C THR A 67 -8.96 -13.53 -0.16
N PHE A 68 -9.56 -14.47 0.54
CA PHE A 68 -9.18 -15.89 0.48
C PHE A 68 -10.42 -16.72 0.24
N VAL A 69 -10.40 -17.56 -0.84
CA VAL A 69 -11.58 -18.32 -1.22
C VAL A 69 -11.47 -19.73 -0.60
N LEU A 70 -12.47 -20.08 0.21
CA LEU A 70 -12.50 -21.33 0.97
C LEU A 70 -13.78 -22.08 0.65
N LYS A 71 -13.72 -23.39 0.81
CA LYS A 71 -14.93 -24.21 0.75
C LYS A 71 -16.05 -23.71 1.68
N PRO A 72 -17.29 -23.81 1.19
CA PRO A 72 -18.43 -23.27 1.94
C PRO A 72 -18.73 -24.13 3.17
N ARG A 73 -19.25 -23.55 4.22
CA ARG A 73 -19.64 -24.28 5.43
C ARG A 73 -21.13 -24.24 5.73
N ASN A 74 -21.91 -23.47 4.97
CA ASN A 74 -23.30 -23.18 5.29
C ASN A 74 -24.18 -22.97 4.05
N GLY A 75 -23.89 -23.71 3.00
CA GLY A 75 -24.73 -23.77 1.82
C GLY A 75 -24.45 -22.75 0.72
N GLY A 76 -23.58 -21.75 0.98
CA GLY A 76 -23.10 -20.90 -0.10
C GLY A 76 -22.27 -21.58 -1.16
N ASP A 77 -21.80 -20.81 -2.11
CA ASP A 77 -20.89 -21.27 -3.15
C ASP A 77 -19.43 -21.30 -2.66
N ALA A 78 -19.12 -20.44 -1.69
CA ALA A 78 -17.82 -20.38 -1.10
C ALA A 78 -17.87 -19.53 0.17
N LEU A 79 -16.84 -19.70 1.00
CA LEU A 79 -16.62 -18.89 2.16
C LEU A 79 -15.42 -17.96 1.88
N ILE A 80 -15.59 -16.68 2.09
CA ILE A 80 -14.55 -15.68 1.79
C ILE A 80 -14.09 -15.01 3.10
N ARG A 81 -12.79 -15.14 3.42
CA ARG A 81 -12.17 -14.36 4.48
C ARG A 81 -11.48 -13.14 3.92
N ILE A 82 -11.69 -11.99 4.60
CA ILE A 82 -11.30 -10.65 4.12
C ILE A 82 -10.30 -10.01 5.09
N PHE A 83 -9.09 -9.63 4.59
CA PHE A 83 -8.06 -9.05 5.44
C PHE A 83 -7.54 -7.72 4.93
N THR A 84 -7.45 -6.69 5.79
CA THR A 84 -6.67 -5.50 5.47
C THR A 84 -5.23 -5.83 5.73
N PRO A 85 -4.31 -4.87 5.49
CA PRO A 85 -2.93 -5.09 5.91
C PRO A 85 -2.71 -5.35 7.43
N VAL A 86 -3.65 -4.89 8.26
CA VAL A 86 -3.51 -5.00 9.71
C VAL A 86 -4.53 -5.82 10.47
N ASN A 87 -5.67 -6.17 9.88
CA ASN A 87 -6.73 -6.86 10.62
C ASN A 87 -7.64 -7.62 9.69
N GLU A 88 -8.45 -8.50 10.27
CA GLU A 88 -9.55 -9.18 9.52
C GLU A 88 -10.87 -8.41 9.65
N LEU A 89 -11.66 -8.37 8.56
CA LEU A 89 -12.99 -7.78 8.61
C LEU A 89 -14.07 -8.83 8.37
N PRO A 90 -15.23 -8.66 9.00
CA PRO A 90 -16.31 -9.63 8.84
C PRO A 90 -17.14 -9.47 7.55
N PHE A 91 -17.04 -8.31 6.93
CA PHE A 91 -17.77 -7.92 5.72
C PHE A 91 -17.03 -6.73 5.12
N ALA A 92 -17.05 -6.62 3.80
CA ALA A 92 -16.50 -5.43 3.12
C ALA A 92 -17.02 -5.42 1.68
N GLY A 93 -17.33 -4.27 1.10
CA GLY A 93 -18.00 -4.21 -0.22
C GLY A 93 -17.08 -4.40 -1.44
N HIS A 94 -16.03 -3.60 -1.55
CA HIS A 94 -15.15 -3.69 -2.71
C HIS A 94 -14.49 -5.07 -2.82
N PRO A 95 -14.01 -5.65 -1.71
CA PRO A 95 -13.32 -6.93 -1.84
C PRO A 95 -14.25 -8.04 -2.25
N LEU A 96 -15.50 -8.01 -1.78
N LEU A 96 -15.50 -7.99 -1.76
CA LEU A 96 -16.46 -9.08 -2.13
CA LEU A 96 -16.49 -9.03 -2.09
C LEU A 96 -16.96 -8.87 -3.55
C LEU A 96 -17.02 -8.86 -3.51
N LEU A 97 -17.18 -7.61 -3.94
CA LEU A 97 -17.42 -7.34 -5.36
C LEU A 97 -16.36 -7.95 -6.24
N GLY A 98 -15.10 -7.65 -5.98
CA GLY A 98 -14.07 -8.17 -6.86
C GLY A 98 -13.97 -9.69 -6.81
N THR A 99 -14.17 -10.26 -5.61
CA THR A 99 -14.15 -11.72 -5.43
C THR A 99 -15.26 -12.36 -6.25
N ALA A 100 -16.42 -11.76 -6.25
CA ALA A 100 -17.56 -12.32 -6.99
C ALA A 100 -17.31 -12.24 -8.51
N ILE A 101 -16.71 -11.14 -8.96
CA ILE A 101 -16.38 -11.01 -10.40
C ILE A 101 -15.28 -12.06 -10.78
N ALA A 102 -14.25 -12.25 -9.94
CA ALA A 102 -13.20 -13.23 -10.20
C ALA A 102 -13.76 -14.67 -10.21
N LEU A 103 -14.58 -14.99 -9.22
N LEU A 103 -14.55 -15.02 -9.19
CA LEU A 103 -15.18 -16.33 -9.11
CA LEU A 103 -15.11 -16.38 -9.09
C LEU A 103 -16.20 -16.60 -10.15
C LEU A 103 -16.25 -16.62 -10.10
N GLY A 104 -16.85 -15.56 -10.65
CA GLY A 104 -17.79 -15.72 -11.76
C GLY A 104 -17.21 -16.43 -12.98
N ALA A 105 -15.92 -16.27 -13.19
CA ALA A 105 -15.30 -16.95 -14.31
C ALA A 105 -15.22 -18.48 -14.14
N HIS A 106 -15.39 -18.97 -12.93
CA HIS A 106 -15.25 -20.41 -12.64
C HIS A 106 -16.48 -21.26 -13.09
N THR A 107 -17.65 -20.62 -13.03
CA THR A 107 -18.94 -21.27 -13.39
C THR A 107 -19.76 -20.45 -14.38
N ASP A 108 -20.92 -21.01 -14.72
N ASP A 108 -20.93 -20.94 -14.73
CA ASP A 108 -21.87 -20.35 -15.64
CA ASP A 108 -21.75 -20.15 -15.65
C ASP A 108 -22.96 -19.58 -14.88
C ASP A 108 -22.95 -19.57 -14.89
N ASN A 109 -22.96 -19.66 -13.56
CA ASN A 109 -24.06 -19.12 -12.75
C ASN A 109 -24.22 -17.63 -12.88
N HIS A 110 -25.42 -17.12 -12.87
CA HIS A 110 -25.56 -15.68 -12.68
C HIS A 110 -25.94 -15.25 -11.29
N ARG A 111 -26.26 -16.21 -10.46
CA ARG A 111 -26.46 -15.98 -9.02
C ARG A 111 -25.36 -16.68 -8.25
N LEU A 112 -24.78 -15.96 -7.31
N LEU A 112 -24.62 -15.94 -7.43
CA LEU A 112 -23.67 -16.43 -6.51
CA LEU A 112 -23.67 -16.53 -6.50
C LEU A 112 -23.92 -16.05 -5.04
C LEU A 112 -24.07 -16.15 -5.08
N TYR A 113 -23.67 -16.97 -4.12
CA TYR A 113 -23.92 -16.76 -2.68
C TYR A 113 -22.59 -16.90 -1.97
N LEU A 114 -22.07 -15.79 -1.37
CA LEU A 114 -20.79 -15.86 -0.74
C LEU A 114 -20.95 -15.74 0.75
N GLU A 115 -20.49 -16.76 1.44
CA GLU A 115 -20.47 -16.71 2.92
C GLU A 115 -19.41 -15.77 3.46
N THR A 116 -19.73 -15.06 4.55
CA THR A 116 -18.81 -14.21 5.28
C THR A 116 -19.19 -14.36 6.77
N GLN A 117 -18.39 -13.74 7.62
N GLN A 117 -18.39 -13.74 7.63
CA GLN A 117 -18.63 -13.71 9.07
CA GLN A 117 -18.66 -13.72 9.06
C GLN A 117 -19.90 -12.92 9.44
C GLN A 117 -20.02 -13.08 9.34
N MET A 118 -20.41 -12.10 8.52
CA MET A 118 -21.74 -11.43 8.71
C MET A 118 -22.92 -12.24 8.12
N GLY A 119 -22.66 -13.40 7.55
CA GLY A 119 -23.69 -14.19 6.91
C GLY A 119 -23.50 -14.30 5.40
N THR A 120 -24.47 -14.93 4.74
CA THR A 120 -24.35 -15.28 3.35
C THR A 120 -24.89 -14.12 2.51
N ILE A 121 -24.02 -13.59 1.65
CA ILE A 121 -24.32 -12.41 0.81
C ILE A 121 -24.67 -12.83 -0.62
N ALA A 122 -25.85 -12.44 -1.08
CA ALA A 122 -26.31 -12.78 -2.39
C ALA A 122 -25.76 -11.76 -3.45
N PHE A 123 -25.33 -12.30 -4.58
CA PHE A 123 -24.80 -11.53 -5.72
C PHE A 123 -25.55 -11.92 -7.00
N GLU A 124 -25.81 -10.93 -7.84
CA GLU A 124 -26.30 -11.13 -9.20
C GLU A 124 -25.16 -10.61 -10.13
N LEU A 125 -24.70 -11.47 -11.02
CA LEU A 125 -23.58 -11.20 -11.94
C LEU A 125 -24.10 -10.74 -13.31
N GLU A 126 -23.51 -9.68 -13.87
CA GLU A 126 -23.84 -9.22 -15.20
C GLU A 126 -22.87 -9.88 -16.12
N ARG A 127 -23.38 -10.75 -16.99
CA ARG A 127 -22.53 -11.48 -17.92
C ARG A 127 -22.96 -11.27 -19.39
N GLN A 128 -21.99 -11.27 -20.27
CA GLN A 128 -22.22 -11.16 -21.70
C GLN A 128 -21.55 -12.37 -22.32
N ASN A 129 -22.34 -13.23 -22.96
CA ASN A 129 -21.75 -14.37 -23.64
C ASN A 129 -20.91 -15.21 -22.63
N GLY A 130 -21.39 -15.31 -21.37
CA GLY A 130 -20.71 -15.97 -20.25
C GLY A 130 -19.63 -15.15 -19.54
N SER A 131 -19.24 -14.00 -20.10
CA SER A 131 -18.14 -13.21 -19.52
C SER A 131 -18.59 -12.15 -18.48
N VAL A 132 -18.01 -12.15 -17.27
CA VAL A 132 -18.51 -11.29 -16.19
C VAL A 132 -18.02 -9.81 -16.37
N ILE A 133 -18.94 -8.84 -16.34
CA ILE A 133 -18.68 -7.42 -16.47
C ILE A 133 -18.85 -6.64 -15.15
N ALA A 134 -19.78 -7.14 -14.34
CA ALA A 134 -20.25 -6.40 -13.19
C ALA A 134 -20.99 -7.27 -12.21
N ALA A 135 -21.24 -6.75 -11.01
CA ALA A 135 -22.06 -7.47 -10.03
C ALA A 135 -22.83 -6.60 -9.09
N SER A 136 -23.87 -7.15 -8.48
CA SER A 136 -24.72 -6.40 -7.58
C SER A 136 -24.87 -7.29 -6.30
N MET A 137 -24.74 -6.70 -5.14
CA MET A 137 -24.92 -7.40 -3.83
C MET A 137 -26.05 -6.80 -3.00
N ASP A 138 -26.66 -7.66 -2.17
CA ASP A 138 -27.52 -7.24 -1.10
C ASP A 138 -26.73 -7.22 0.21
N GLN A 139 -26.47 -6.04 0.78
CA GLN A 139 -25.64 -5.91 1.97
C GLN A 139 -26.44 -6.21 3.25
N PRO A 140 -25.74 -6.48 4.35
CA PRO A 140 -26.44 -6.48 5.64
C PRO A 140 -27.03 -5.09 5.89
N ILE A 141 -28.20 -5.12 6.48
CA ILE A 141 -28.91 -3.91 6.90
C ILE A 141 -28.19 -3.34 8.07
N PRO A 142 -27.60 -2.14 7.93
CA PRO A 142 -26.85 -1.56 9.05
C PRO A 142 -27.76 -1.01 10.19
N THR A 143 -27.19 -0.95 11.38
CA THR A 143 -27.71 -0.13 12.48
C THR A 143 -26.89 1.13 12.62
N TRP A 144 -27.34 2.10 13.41
CA TRP A 144 -26.58 3.35 13.56
C TRP A 144 -26.91 4.07 14.85
N THR A 145 -26.04 5.00 15.21
CA THR A 145 -26.22 5.88 16.33
C THR A 145 -25.38 7.15 16.18
N ALA A 146 -25.59 8.12 17.04
CA ALA A 146 -24.77 9.31 17.00
C ALA A 146 -23.34 8.96 17.34
N LEU A 147 -22.36 9.57 16.69
CA LEU A 147 -20.96 9.37 17.11
C LEU A 147 -20.61 9.82 18.55
N GLY A 148 -21.07 11.00 18.92
CA GLY A 148 -20.82 11.55 20.24
C GLY A 148 -19.42 12.07 20.43
N ARG A 149 -18.67 12.30 19.35
CA ARG A 149 -17.29 12.82 19.43
C ARG A 149 -17.01 13.85 18.33
N ASP A 150 -17.98 14.72 18.09
CA ASP A 150 -17.95 15.61 16.91
C ASP A 150 -16.78 16.54 16.90
N ALA A 151 -16.54 17.25 18.01
CA ALA A 151 -15.51 18.24 18.05
C ALA A 151 -14.12 17.61 17.82
N GLU A 152 -13.87 16.45 18.42
CA GLU A 152 -12.63 15.69 18.22
C GLU A 152 -12.42 15.32 16.72
N LEU A 153 -13.48 14.76 16.13
CA LEU A 153 -13.36 14.29 14.76
C LEU A 153 -13.17 15.45 13.80
N LEU A 154 -13.92 16.54 13.98
CA LEU A 154 -13.87 17.63 13.05
C LEU A 154 -12.51 18.35 13.15
N LYS A 155 -11.98 18.45 14.37
CA LYS A 155 -10.61 18.97 14.56
C LYS A 155 -9.56 18.15 13.82
N ALA A 156 -9.59 16.85 14.00
CA ALA A 156 -8.74 15.92 13.25
C ALA A 156 -8.84 16.14 11.73
N LEU A 157 -10.06 16.35 11.23
CA LEU A 157 -10.30 16.48 9.77
C LEU A 157 -9.89 17.84 9.25
N GLY A 158 -9.84 18.81 10.15
CA GLY A 158 -9.39 20.15 9.90
C GLY A 158 -10.51 21.05 9.51
N ILE A 159 -11.73 20.75 9.96
CA ILE A 159 -12.91 21.57 9.64
C ILE A 159 -13.74 21.91 10.88
N SER A 160 -14.70 22.83 10.75
N SER A 160 -14.73 22.77 10.60
CA SER A 160 -15.48 23.23 11.93
CA SER A 160 -15.54 23.47 11.58
C SER A 160 -16.87 22.60 12.06
C SER A 160 -16.84 22.74 11.95
N ASP A 161 -17.51 22.20 10.95
CA ASP A 161 -18.87 21.66 11.06
C ASP A 161 -19.07 20.57 9.99
N SER A 162 -20.05 19.72 10.21
CA SER A 162 -20.61 18.80 9.22
C SER A 162 -21.87 19.43 8.73
N THR A 163 -22.18 19.27 7.43
CA THR A 163 -23.47 19.73 6.90
C THR A 163 -24.70 18.98 7.42
N PHE A 164 -24.50 17.73 7.89
CA PHE A 164 -25.54 16.86 8.46
C PHE A 164 -25.02 16.18 9.76
N PRO A 165 -25.92 15.72 10.62
CA PRO A 165 -25.51 15.06 11.86
C PRO A 165 -24.48 13.93 11.59
N ILE A 166 -23.51 13.81 12.48
CA ILE A 166 -22.42 12.86 12.35
C ILE A 166 -22.83 11.58 13.01
N GLU A 167 -23.11 10.55 12.19
CA GLU A 167 -23.59 9.27 12.68
C GLU A 167 -22.66 8.13 12.22
N ILE A 168 -22.63 7.04 13.02
CA ILE A 168 -21.79 5.88 12.80
C ILE A 168 -22.69 4.66 12.58
N TYR A 169 -22.39 3.96 11.47
CA TYR A 169 -23.20 2.87 10.96
C TYR A 169 -22.41 1.57 11.06
N HIS A 170 -23.09 0.49 11.39
CA HIS A 170 -22.45 -0.84 11.56
C HIS A 170 -23.07 -1.87 10.65
N ASN A 171 -22.25 -2.46 9.76
CA ASN A 171 -22.65 -3.59 8.95
C ASN A 171 -21.60 -4.69 8.94
N GLY A 172 -20.82 -4.74 10.03
CA GLY A 172 -19.58 -5.53 10.12
C GLY A 172 -18.46 -4.63 10.55
N PRO A 173 -17.87 -3.92 9.60
CA PRO A 173 -17.04 -2.78 9.92
C PRO A 173 -18.03 -1.68 10.35
N ARG A 174 -17.47 -0.56 10.73
CA ARG A 174 -18.18 0.64 11.05
C ARG A 174 -17.72 1.82 10.17
N HIS A 175 -18.69 2.68 9.84
CA HIS A 175 -18.49 3.84 8.95
C HIS A 175 -19.17 5.06 9.55
N VAL A 176 -18.38 6.11 9.72
CA VAL A 176 -18.86 7.42 10.14
C VAL A 176 -19.00 8.31 8.87
N PHE A 177 -20.05 9.12 8.80
CA PHE A 177 -20.27 10.05 7.74
C PHE A 177 -20.23 11.55 8.15
N VAL A 178 -19.38 12.32 7.47
CA VAL A 178 -19.23 13.78 7.67
C VAL A 178 -19.49 14.45 6.34
N GLY A 179 -20.48 15.33 6.31
CA GLY A 179 -20.85 16.07 5.11
C GLY A 179 -20.06 17.35 4.90
N LEU A 180 -19.66 17.58 3.64
CA LEU A 180 -18.92 18.76 3.21
C LEU A 180 -19.81 19.64 2.26
N PRO A 181 -19.62 20.96 2.31
CA PRO A 181 -20.53 21.87 1.57
C PRO A 181 -20.25 22.04 0.08
N SER A 182 -19.13 21.52 -0.40
CA SER A 182 -18.83 21.55 -1.83
C SER A 182 -17.82 20.49 -2.13
N ILE A 183 -17.73 20.12 -3.40
CA ILE A 183 -16.71 19.16 -3.83
C ILE A 183 -15.31 19.78 -3.62
N ASP A 184 -15.15 21.09 -3.85
CA ASP A 184 -13.86 21.74 -3.62
C ASP A 184 -13.41 21.67 -2.16
N ALA A 185 -14.35 21.83 -1.24
CA ALA A 185 -14.05 21.68 0.19
C ALA A 185 -13.66 20.23 0.52
N LEU A 186 -14.38 19.26 -0.05
CA LEU A 186 -13.98 17.85 0.12
C LEU A 186 -12.57 17.60 -0.37
N SER A 187 -12.25 18.08 -1.57
CA SER A 187 -10.88 17.87 -2.13
C SER A 187 -9.80 18.55 -1.34
N ALA A 188 -10.14 19.65 -0.67
CA ALA A 188 -9.15 20.39 0.09
C ALA A 188 -8.81 19.75 1.43
N LEU A 189 -9.57 18.76 1.89
CA LEU A 189 -9.20 18.11 3.17
C LEU A 189 -7.77 17.52 3.15
N HIS A 190 -7.08 17.78 4.25
CA HIS A 190 -5.75 17.25 4.58
C HIS A 190 -5.83 16.78 6.06
N PRO A 191 -6.44 15.61 6.33
CA PRO A 191 -6.66 15.22 7.74
C PRO A 191 -5.36 14.92 8.53
N ASP A 192 -5.47 15.07 9.85
CA ASP A 192 -4.44 14.59 10.80
C ASP A 192 -4.62 13.07 11.07
N HIS A 193 -3.84 12.26 10.35
CA HIS A 193 -3.97 10.77 10.34
C HIS A 193 -3.71 10.23 11.75
N ARG A 194 -2.79 10.89 12.45
CA ARG A 194 -2.42 10.44 13.81
C ARG A 194 -3.58 10.70 14.74
N ALA A 195 -4.25 11.85 14.60
CA ALA A 195 -5.44 12.14 15.35
C ALA A 195 -6.60 11.19 14.98
N LEU A 196 -6.76 10.89 13.69
CA LEU A 196 -7.78 9.87 13.29
C LEU A 196 -7.51 8.42 13.83
N SER A 197 -6.27 8.14 14.20
N SER A 197 -6.26 8.12 14.16
CA SER A 197 -5.92 6.85 14.83
CA SER A 197 -5.86 6.78 14.61
C SER A 197 -6.60 6.61 16.19
C SER A 197 -6.40 6.44 16.01
N ASN A 198 -7.02 7.68 16.87
N ASN A 198 -7.02 7.43 16.65
CA ASN A 198 -7.84 7.55 18.08
CA ASN A 198 -7.66 7.25 17.95
C ASN A 198 -9.24 6.99 17.84
C ASN A 198 -9.17 6.96 17.81
N PHE A 199 -9.64 6.88 16.57
CA PHE A 199 -11.00 6.40 16.22
C PHE A 199 -10.76 4.92 15.80
N HIS A 200 -11.00 4.03 16.72
CA HIS A 200 -10.78 2.60 16.54
C HIS A 200 -11.97 1.90 15.89
N ASP A 201 -11.68 0.80 15.19
CA ASP A 201 -12.69 -0.04 14.52
C ASP A 201 -13.71 0.79 13.74
N MET A 202 -13.24 1.73 12.91
CA MET A 202 -14.13 2.51 12.06
C MET A 202 -13.37 3.17 10.92
N ALA A 203 -14.12 3.56 9.89
CA ALA A 203 -13.60 4.33 8.79
C ALA A 203 -14.36 5.66 8.72
N ILE A 204 -13.66 6.72 8.31
N ILE A 204 -13.67 6.71 8.29
CA ILE A 204 -14.26 8.04 8.28
CA ILE A 204 -14.23 8.05 8.28
C ILE A 204 -14.57 8.41 6.82
C ILE A 204 -14.55 8.43 6.82
N ASN A 205 -15.83 8.59 6.49
CA ASN A 205 -16.26 8.83 5.12
C ASN A 205 -16.80 10.26 5.01
N CYS A 206 -16.11 11.11 4.23
CA CYS A 206 -16.48 12.52 4.04
C CYS A 206 -17.13 12.66 2.67
N PHE A 207 -18.27 13.33 2.56
CA PHE A 207 -19.08 13.31 1.33
C PHE A 207 -19.54 14.70 0.90
N ALA A 208 -19.74 14.89 -0.39
CA ALA A 208 -20.31 16.11 -0.96
C ALA A 208 -21.01 15.78 -2.27
N GLY A 209 -21.95 16.63 -2.67
CA GLY A 209 -22.75 16.40 -3.87
C GLY A 209 -24.18 16.90 -3.76
N ALA A 210 -24.99 16.34 -4.62
CA ALA A 210 -26.39 16.80 -4.87
C ALA A 210 -27.16 15.78 -5.68
N GLY A 211 -28.38 15.50 -5.25
CA GLY A 211 -29.28 14.68 -6.02
C GLY A 211 -28.84 13.23 -6.20
N ARG A 212 -28.70 12.83 -7.46
N ARG A 212 -28.67 12.78 -7.44
CA ARG A 212 -28.27 11.48 -7.77
CA ARG A 212 -28.21 11.39 -7.64
C ARG A 212 -26.72 11.26 -7.81
C ARG A 212 -26.69 11.24 -7.82
N ARG A 213 -25.95 12.32 -7.62
CA ARG A 213 -24.50 12.29 -7.83
C ARG A 213 -23.72 12.84 -6.69
N TRP A 214 -22.92 11.98 -6.07
CA TRP A 214 -22.20 12.28 -4.86
C TRP A 214 -20.73 11.89 -5.04
N ARG A 215 -19.89 12.62 -4.33
CA ARG A 215 -18.49 12.34 -4.22
C ARG A 215 -18.14 11.93 -2.76
N SER A 216 -17.13 11.09 -2.62
N SER A 216 -17.16 11.05 -2.61
CA SER A 216 -16.66 10.69 -1.31
CA SER A 216 -16.67 10.73 -1.28
C SER A 216 -15.15 10.57 -1.20
C SER A 216 -15.16 10.56 -1.20
N ARG A 217 -14.65 10.63 0.03
CA ARG A 217 -13.28 10.30 0.36
C ARG A 217 -13.33 9.51 1.71
N MET A 218 -12.50 8.47 1.88
CA MET A 218 -12.46 7.64 3.07
C MET A 218 -11.06 7.55 3.62
N PHE A 219 -10.98 7.76 4.93
CA PHE A 219 -9.74 7.66 5.70
C PHE A 219 -9.90 6.67 6.86
N SER A 220 -8.99 5.71 6.96
CA SER A 220 -9.08 4.72 8.09
C SER A 220 -7.76 4.13 8.63
N PRO A 221 -7.10 4.83 9.55
CA PRO A 221 -5.99 4.17 10.27
C PRO A 221 -6.37 2.86 10.93
N ALA A 222 -7.59 2.74 11.40
CA ALA A 222 -8.03 1.51 12.06
C ALA A 222 -7.96 0.31 11.14
N TYR A 223 -8.24 0.54 9.85
CA TYR A 223 -8.28 -0.51 8.84
C TYR A 223 -7.03 -0.47 7.89
N GLY A 224 -5.97 0.14 8.36
CA GLY A 224 -4.68 0.13 7.72
C GLY A 224 -4.56 0.90 6.42
N VAL A 225 -5.32 1.98 6.26
CA VAL A 225 -5.26 2.73 5.01
C VAL A 225 -5.36 4.25 5.27
N VAL A 226 -4.39 5.01 4.75
CA VAL A 226 -4.42 6.46 4.84
C VAL A 226 -5.68 7.00 4.14
N GLU A 227 -5.85 6.61 2.88
CA GLU A 227 -7.04 6.95 2.11
C GLU A 227 -7.41 5.83 1.13
N ASP A 228 -8.66 5.38 1.18
CA ASP A 228 -9.10 4.26 0.38
C ASP A 228 -9.81 4.76 -0.89
N ALA A 229 -9.65 4.04 -1.99
CA ALA A 229 -10.22 4.43 -3.29
C ALA A 229 -11.75 4.17 -3.47
N ALA A 230 -12.26 3.06 -2.88
CA ALA A 230 -13.67 2.66 -3.02
C ALA A 230 -14.10 1.84 -1.83
N THR A 231 -14.95 2.42 -0.96
CA THR A 231 -15.33 1.77 0.30
C THR A 231 -16.75 1.25 0.11
N GLY A 232 -16.85 0.07 -0.45
CA GLY A 232 -18.12 -0.44 -0.86
C GLY A 232 -19.15 -0.69 0.26
N SER A 233 -18.66 -1.06 1.46
CA SER A 233 -19.52 -1.20 2.62
C SER A 233 -20.00 0.09 3.18
N ALA A 234 -19.42 1.22 2.73
CA ALA A 234 -19.93 2.56 3.03
C ALA A 234 -20.97 3.12 2.09
N ALA A 235 -21.05 2.58 0.89
CA ALA A 235 -21.97 3.08 -0.16
C ALA A 235 -23.40 2.86 0.20
N GLY A 236 -23.72 1.71 0.72
CA GLY A 236 -25.12 1.41 1.09
C GLY A 236 -25.56 2.29 2.31
N PRO A 237 -24.76 2.30 3.37
CA PRO A 237 -25.01 3.24 4.47
C PRO A 237 -25.10 4.69 4.06
N LEU A 238 -24.30 5.18 3.10
CA LEU A 238 -24.46 6.55 2.68
C LEU A 238 -25.84 6.81 2.07
N ALA A 239 -26.28 5.92 1.20
CA ALA A 239 -27.61 6.02 0.60
C ALA A 239 -28.67 6.13 1.67
N ILE A 240 -28.51 5.31 2.73
CA ILE A 240 -29.43 5.44 3.90
C ILE A 240 -29.34 6.82 4.56
N HIS A 241 -28.10 7.28 4.86
CA HIS A 241 -27.81 8.56 5.50
C HIS A 241 -28.46 9.75 4.73
N LEU A 242 -28.29 9.74 3.41
CA LEU A 242 -28.81 10.80 2.55
C LEU A 242 -30.37 10.88 2.55
N ALA A 243 -31.00 9.71 2.54
CA ALA A 243 -32.44 9.59 2.60
C ALA A 243 -32.95 9.97 4.03
N ARG A 244 -32.24 9.56 5.10
CA ARG A 244 -32.70 9.90 6.46
C ARG A 244 -32.62 11.37 6.68
N HIS A 245 -31.69 12.04 5.98
CA HIS A 245 -31.58 13.48 6.12
C HIS A 245 -32.09 14.31 4.96
N GLY A 246 -33.02 13.67 4.24
CA GLY A 246 -33.97 14.35 3.36
C GLY A 246 -33.43 14.83 2.03
N GLN A 247 -32.21 14.37 1.68
CA GLN A 247 -31.53 14.89 0.46
C GLN A 247 -31.86 14.08 -0.80
N ILE A 248 -32.30 12.83 -0.59
CA ILE A 248 -32.82 11.93 -1.62
C ILE A 248 -33.98 11.11 -1.10
N GLU A 249 -34.68 10.40 -1.98
CA GLU A 249 -35.85 9.56 -1.60
C GLU A 249 -35.34 8.17 -1.32
N PHE A 250 -35.92 7.45 -0.33
CA PHE A 250 -35.72 6.00 -0.24
C PHE A 250 -36.08 5.36 -1.54
N GLY A 251 -35.26 4.44 -2.04
CA GLY A 251 -35.55 3.72 -3.26
C GLY A 251 -34.91 4.42 -4.49
N GLN A 252 -34.32 5.58 -4.28
CA GLN A 252 -33.73 6.37 -5.37
C GLN A 252 -32.28 5.86 -5.51
N PRO A 253 -31.91 5.40 -6.66
CA PRO A 253 -30.50 5.03 -6.92
C PRO A 253 -29.57 6.25 -6.93
N VAL A 254 -28.37 6.09 -6.37
CA VAL A 254 -27.36 7.14 -6.39
C VAL A 254 -26.06 6.60 -6.95
N GLU A 255 -25.28 7.49 -7.54
CA GLU A 255 -23.90 7.23 -7.89
C GLU A 255 -23.00 7.89 -6.87
N ILE A 256 -22.04 7.15 -6.35
CA ILE A 256 -21.03 7.68 -5.47
C ILE A 256 -19.70 7.47 -6.08
N LEU A 257 -19.03 8.60 -6.39
CA LEU A 257 -17.71 8.64 -6.97
C LEU A 257 -16.61 8.95 -5.89
N GLN A 258 -15.76 7.94 -5.62
CA GLN A 258 -14.72 8.01 -4.64
C GLN A 258 -13.33 7.93 -5.30
N GLY A 259 -12.31 8.39 -4.57
CA GLY A 259 -10.93 8.19 -4.99
C GLY A 259 -10.38 9.12 -6.07
N VAL A 260 -11.12 10.18 -6.41
CA VAL A 260 -10.67 11.04 -7.51
C VAL A 260 -9.34 11.75 -7.20
N GLU A 261 -9.21 12.29 -6.00
CA GLU A 261 -8.02 13.04 -5.56
C GLU A 261 -6.75 12.21 -5.53
N ILE A 262 -6.87 10.93 -5.21
CA ILE A 262 -5.73 10.04 -5.26
C ILE A 262 -5.49 9.33 -6.58
N GLY A 263 -6.21 9.71 -7.64
CA GLY A 263 -5.99 9.13 -8.96
C GLY A 263 -6.56 7.73 -9.18
N ARG A 264 -7.57 7.39 -8.37
CA ARG A 264 -8.20 6.09 -8.41
C ARG A 264 -9.70 6.27 -8.43
N PRO A 265 -10.23 6.93 -9.45
CA PRO A 265 -11.66 7.18 -9.51
C PRO A 265 -12.47 5.88 -9.53
N SER A 266 -13.46 5.78 -8.64
CA SER A 266 -14.20 4.51 -8.46
C SER A 266 -15.70 4.84 -8.42
N LEU A 267 -16.49 4.21 -9.26
CA LEU A 267 -17.92 4.49 -9.32
C LEU A 267 -18.72 3.38 -8.63
N MET A 268 -19.35 3.73 -7.50
CA MET A 268 -20.26 2.81 -6.78
C MET A 268 -21.70 3.21 -6.99
N PHE A 269 -22.55 2.24 -7.23
CA PHE A 269 -23.99 2.48 -7.40
C PHE A 269 -24.69 1.89 -6.12
N ALA A 270 -25.57 2.64 -5.51
CA ALA A 270 -26.25 2.20 -4.29
C ALA A 270 -27.71 2.54 -4.29
N LYS A 271 -28.55 1.69 -3.68
CA LYS A 271 -29.97 1.97 -3.53
C LYS A 271 -30.43 1.35 -2.16
N ALA A 272 -31.06 2.15 -1.30
CA ALA A 272 -31.65 1.61 -0.03
C ALA A 272 -33.18 1.68 -0.11
N GLU A 273 -33.84 0.53 -0.04
CA GLU A 273 -35.28 0.40 -0.20
C GLU A 273 -35.97 0.24 1.20
N GLY A 274 -37.22 0.76 1.28
CA GLY A 274 -38.01 0.76 2.51
C GLY A 274 -38.10 2.13 3.18
N ARG A 275 -37.96 2.14 4.50
CA ARG A 275 -38.05 3.39 5.25
C ARG A 275 -37.11 3.33 6.41
N ALA A 276 -36.83 4.46 7.06
CA ALA A 276 -35.73 4.53 8.06
C ALA A 276 -35.85 3.40 9.15
N GLU A 277 -37.08 3.18 9.61
CA GLU A 277 -37.37 2.27 10.72
C GLU A 277 -37.50 0.86 10.23
N GLN A 278 -37.68 0.71 8.93
CA GLN A 278 -37.75 -0.64 8.32
C GLN A 278 -37.22 -0.70 6.87
N LEU A 279 -35.91 -0.98 6.78
CA LEU A 279 -35.26 -1.09 5.50
C LEU A 279 -35.50 -2.48 5.04
N THR A 280 -35.79 -2.68 3.75
CA THR A 280 -35.96 -3.99 3.20
C THR A 280 -34.81 -4.51 2.35
N ARG A 281 -34.01 -3.60 1.78
CA ARG A 281 -32.87 -4.01 0.96
C ARG A 281 -31.85 -2.89 0.80
N VAL A 282 -30.59 -3.25 0.78
CA VAL A 282 -29.46 -2.28 0.65
C VAL A 282 -28.56 -2.87 -0.45
N GLU A 283 -28.74 -2.38 -1.67
CA GLU A 283 -28.07 -2.97 -2.84
C GLU A 283 -26.88 -2.07 -3.18
N VAL A 284 -25.71 -2.68 -3.38
CA VAL A 284 -24.53 -1.95 -3.92
C VAL A 284 -24.01 -2.70 -5.13
N SER A 285 -23.72 -1.98 -6.21
CA SER A 285 -23.25 -2.65 -7.40
C SER A 285 -22.17 -1.80 -8.09
N GLY A 286 -21.45 -2.46 -8.98
CA GLY A 286 -20.37 -1.88 -9.77
C GLY A 286 -19.80 -2.80 -10.81
N ASN A 287 -19.05 -2.17 -11.73
CA ASN A 287 -18.23 -2.90 -12.67
C ASN A 287 -16.95 -3.32 -11.97
N GLY A 288 -16.28 -4.29 -12.56
CA GLY A 288 -14.90 -4.64 -12.20
C GLY A 288 -14.16 -5.31 -13.36
N VAL A 289 -12.85 -5.15 -13.39
CA VAL A 289 -12.01 -5.70 -14.45
C VAL A 289 -10.75 -6.32 -13.89
N THR A 290 -10.23 -7.28 -14.65
CA THR A 290 -9.00 -7.96 -14.24
C THR A 290 -7.78 -7.09 -14.61
N PHE A 291 -6.91 -6.83 -13.66
CA PHE A 291 -5.65 -6.14 -13.93
C PHE A 291 -4.54 -7.13 -14.23
N GLY A 292 -4.49 -8.21 -13.48
CA GLY A 292 -3.44 -9.20 -13.64
C GLY A 292 -3.71 -10.51 -12.95
N ARG A 293 -2.82 -11.45 -13.16
CA ARG A 293 -2.98 -12.76 -12.61
C ARG A 293 -1.61 -13.43 -12.44
N GLY A 294 -1.46 -14.15 -11.35
CA GLY A 294 -0.24 -14.85 -11.05
C GLY A 294 -0.31 -15.82 -9.92
N THR A 295 0.87 -16.17 -9.39
CA THR A 295 0.98 -17.24 -8.36
C THR A 295 1.98 -16.88 -7.29
N ILE A 296 1.63 -17.18 -6.05
CA ILE A 296 2.60 -16.95 -4.95
C ILE A 296 3.27 -18.28 -4.50
N VAL A 297 4.46 -18.19 -3.93
CA VAL A 297 5.29 -19.36 -3.60
C VAL A 297 4.89 -20.14 -2.32
N LEU A 298 3.86 -19.66 -1.63
CA LEU A 298 3.34 -20.40 -0.48
C LEU A 298 1.82 -20.48 -0.49
N HIS B 20 -0.92 -5.38 -25.64
CA HIS B 20 0.25 -5.06 -24.71
C HIS B 20 0.02 -5.77 -23.34
N MET B 21 1.02 -6.52 -22.89
CA MET B 21 0.98 -7.26 -21.59
C MET B 21 2.42 -7.27 -21.05
N HIS B 22 2.58 -7.36 -19.72
CA HIS B 22 3.91 -7.33 -19.08
C HIS B 22 3.96 -8.39 -18.00
N ASN B 23 5.05 -9.15 -17.99
CA ASN B 23 5.33 -10.07 -16.87
C ASN B 23 6.01 -9.32 -15.72
N TYR B 24 5.78 -9.77 -14.48
CA TYR B 24 6.42 -9.22 -13.29
C TYR B 24 6.78 -10.33 -12.28
N VAL B 25 7.82 -10.04 -11.51
N VAL B 25 7.63 -9.96 -11.34
CA VAL B 25 8.14 -10.79 -10.32
CA VAL B 25 7.98 -10.77 -10.19
C VAL B 25 8.07 -9.84 -9.14
C VAL B 25 7.95 -9.89 -8.94
N ILE B 26 7.65 -10.44 -8.02
N ILE B 26 7.54 -10.48 -7.80
CA ILE B 26 7.63 -9.85 -6.69
CA ILE B 26 7.59 -9.83 -6.52
C ILE B 26 8.81 -10.41 -5.87
C ILE B 26 8.77 -10.40 -5.76
N ILE B 27 9.78 -9.55 -5.55
CA ILE B 27 10.94 -9.92 -4.77
C ILE B 27 10.87 -9.28 -3.40
N ASP B 28 10.99 -10.09 -2.34
CA ASP B 28 11.16 -9.56 -1.01
C ASP B 28 12.66 -9.29 -0.79
N ALA B 29 13.01 -8.00 -0.81
CA ALA B 29 14.43 -7.59 -0.71
C ALA B 29 14.86 -7.45 0.78
N PHE B 30 16.11 -7.78 1.07
CA PHE B 30 16.69 -7.78 2.42
C PHE B 30 16.00 -8.82 3.36
N ALA B 31 15.76 -9.99 2.83
CA ALA B 31 15.20 -11.14 3.50
C ALA B 31 15.65 -12.46 2.79
N SER B 32 15.80 -13.57 3.54
N SER B 32 15.64 -13.53 3.60
CA SER B 32 16.12 -14.88 2.98
CA SER B 32 16.03 -14.88 3.28
C SER B 32 14.86 -15.72 2.82
C SER B 32 14.83 -15.83 3.36
N VAL B 33 13.78 -15.19 3.42
N VAL B 33 13.64 -15.30 3.67
CA VAL B 33 12.48 -15.87 3.58
CA VAL B 33 12.39 -16.04 3.53
C VAL B 33 11.33 -15.02 3.01
C VAL B 33 11.29 -15.08 3.07
N PRO B 34 10.34 -15.63 2.36
CA PRO B 34 9.14 -14.84 1.99
C PRO B 34 8.34 -14.33 3.16
N LEU B 35 7.72 -13.20 2.93
CA LEU B 35 6.93 -12.45 3.90
C LEU B 35 7.72 -11.62 4.86
N GLU B 36 9.05 -11.63 4.74
CA GLU B 36 9.94 -10.74 5.49
C GLU B 36 10.59 -9.77 4.47
N GLY B 37 11.44 -8.83 4.94
CA GLY B 37 12.01 -7.80 4.01
C GLY B 37 10.96 -6.87 3.43
N ASN B 38 11.33 -6.20 2.33
CA ASN B 38 10.55 -5.14 1.72
C ASN B 38 10.24 -5.54 0.26
N PRO B 39 8.96 -5.74 -0.09
CA PRO B 39 8.64 -6.15 -1.44
C PRO B 39 8.91 -5.09 -2.55
N VAL B 40 9.34 -5.58 -3.69
CA VAL B 40 9.36 -4.75 -4.88
C VAL B 40 8.76 -5.57 -6.05
N ALA B 41 7.97 -4.88 -6.87
CA ALA B 41 7.42 -5.47 -8.11
C ALA B 41 8.31 -4.98 -9.34
N VAL B 42 8.83 -5.93 -10.07
CA VAL B 42 9.79 -5.75 -11.17
C VAL B 42 9.10 -6.16 -12.44
N PHE B 43 8.89 -5.17 -13.32
CA PHE B 43 8.23 -5.36 -14.62
C PHE B 43 9.16 -5.46 -15.79
N PHE B 44 9.09 -6.55 -16.51
CA PHE B 44 10.06 -6.88 -17.55
C PHE B 44 9.60 -6.27 -18.91
N ASP B 45 10.52 -6.05 -19.83
CA ASP B 45 10.23 -5.56 -21.19
C ASP B 45 9.29 -4.38 -21.23
N ALA B 46 9.65 -3.36 -20.47
CA ALA B 46 8.73 -2.27 -20.15
C ALA B 46 8.88 -1.03 -21.10
N ASP B 47 9.64 -1.20 -22.18
CA ASP B 47 9.94 -0.06 -23.05
C ASP B 47 8.72 0.62 -23.68
N ASP B 48 7.68 -0.15 -23.94
CA ASP B 48 6.44 0.33 -24.51
C ASP B 48 5.53 1.12 -23.56
N LEU B 49 5.82 1.14 -22.26
CA LEU B 49 5.12 1.98 -21.30
C LEU B 49 5.66 3.41 -21.13
N PRO B 50 4.85 4.37 -21.42
CA PRO B 50 5.18 5.75 -21.08
C PRO B 50 5.34 5.94 -19.55
N PRO B 51 6.20 6.86 -19.12
CA PRO B 51 6.40 7.14 -17.70
C PRO B 51 5.14 7.43 -16.96
N ALA B 52 4.16 8.10 -17.57
CA ALA B 52 2.90 8.36 -16.89
C ALA B 52 2.14 7.07 -16.55
N GLN B 53 2.25 6.06 -17.41
N GLN B 53 2.23 6.08 -17.45
CA GLN B 53 1.61 4.76 -17.19
CA GLN B 53 1.62 4.76 -17.23
C GLN B 53 2.42 3.93 -16.17
C GLN B 53 2.41 3.94 -16.19
N MET B 54 3.74 4.03 -16.23
CA MET B 54 4.58 3.38 -15.18
C MET B 54 4.17 3.90 -13.80
N GLN B 55 3.95 5.21 -13.67
CA GLN B 55 3.61 5.80 -12.39
C GLN B 55 2.25 5.22 -11.90
N ARG B 56 1.32 5.06 -12.82
CA ARG B 56 0.01 4.50 -12.48
C ARG B 56 0.05 3.04 -12.08
N ILE B 57 0.93 2.27 -12.70
CA ILE B 57 1.17 0.86 -12.34
C ILE B 57 1.77 0.78 -10.98
N ALA B 58 2.71 1.66 -10.68
CA ALA B 58 3.30 1.65 -9.34
C ALA B 58 2.24 1.91 -8.24
N ARG B 59 1.33 2.82 -8.51
CA ARG B 59 0.21 3.07 -7.59
C ARG B 59 -0.73 1.88 -7.50
N GLU B 60 -0.99 1.20 -8.61
CA GLU B 60 -1.81 0.00 -8.58
C GLU B 60 -1.22 -1.09 -7.68
N MET B 61 0.09 -1.31 -7.79
CA MET B 61 0.79 -2.30 -6.94
C MET B 61 0.86 -1.87 -5.46
N ASN B 62 0.94 -0.58 -5.22
CA ASN B 62 0.95 0.01 -3.88
C ASN B 62 2.10 -0.45 -2.97
N LEU B 63 3.18 -0.95 -3.57
CA LEU B 63 4.37 -1.31 -2.81
C LEU B 63 5.22 -0.07 -2.70
N SER B 64 6.21 -0.07 -1.80
CA SER B 64 7.03 1.14 -1.61
C SER B 64 7.65 1.60 -2.95
N GLU B 65 8.03 0.64 -3.78
CA GLU B 65 8.45 0.91 -5.18
C GLU B 65 8.09 -0.24 -6.10
N SER B 66 7.84 0.10 -7.39
CA SER B 66 7.90 -0.81 -8.50
C SER B 66 9.01 -0.32 -9.48
N THR B 67 9.62 -1.26 -10.14
CA THR B 67 10.64 -0.93 -11.17
C THR B 67 10.29 -1.47 -12.53
N PHE B 68 10.89 -0.83 -13.54
CA PHE B 68 10.57 -1.08 -14.95
C PHE B 68 11.88 -1.28 -15.73
N VAL B 69 12.00 -2.44 -16.38
CA VAL B 69 13.25 -2.88 -17.00
C VAL B 69 13.17 -2.50 -18.48
N LEU B 70 14.10 -1.62 -18.88
CA LEU B 70 14.19 -1.05 -20.22
C LEU B 70 15.52 -1.49 -20.88
N LYS B 71 15.55 -1.48 -22.20
N LYS B 71 15.57 -1.32 -22.19
CA LYS B 71 16.77 -1.76 -22.93
CA LYS B 71 16.78 -1.60 -22.94
C LYS B 71 17.85 -0.71 -22.57
C LYS B 71 17.87 -0.66 -22.51
N PRO B 72 19.12 -1.13 -22.51
CA PRO B 72 20.22 -0.26 -22.10
C PRO B 72 20.60 0.81 -23.18
N ARG B 73 21.19 1.94 -22.77
CA ARG B 73 21.53 3.04 -23.68
C ARG B 73 23.02 3.45 -23.53
N ASN B 74 23.72 2.92 -22.53
CA ASN B 74 25.08 3.37 -22.17
C ASN B 74 25.95 2.20 -21.80
N GLY B 75 25.76 1.05 -22.42
CA GLY B 75 26.58 -0.13 -22.20
C GLY B 75 26.44 -1.02 -20.94
N GLY B 76 25.43 -0.73 -20.10
CA GLY B 76 25.00 -1.68 -19.10
C GLY B 76 24.15 -2.83 -19.62
N ASP B 77 23.66 -3.62 -18.69
CA ASP B 77 22.82 -4.78 -19.01
C ASP B 77 21.35 -4.38 -19.21
N ALA B 78 20.91 -3.31 -18.53
CA ALA B 78 19.53 -2.80 -18.62
C ALA B 78 19.49 -1.41 -18.07
N LEU B 79 18.47 -0.65 -18.41
CA LEU B 79 18.21 0.66 -17.80
C LEU B 79 16.98 0.51 -16.90
N ILE B 80 17.05 0.93 -15.64
CA ILE B 80 15.90 0.73 -14.70
C ILE B 80 15.26 2.03 -14.32
N ARG B 81 13.93 2.19 -14.50
CA ARG B 81 13.19 3.30 -13.95
C ARG B 81 12.40 2.84 -12.67
N ILE B 82 12.37 3.73 -11.67
CA ILE B 82 11.96 3.42 -10.32
C ILE B 82 10.90 4.39 -9.89
N PHE B 83 9.75 3.85 -9.41
CA PHE B 83 8.63 4.69 -9.02
C PHE B 83 8.08 4.28 -7.65
N THR B 84 7.85 5.28 -6.76
CA THR B 84 7.03 5.06 -5.59
C THR B 84 5.58 5.09 -6.04
N PRO B 85 4.65 4.88 -5.13
CA PRO B 85 3.25 5.14 -5.44
C PRO B 85 2.88 6.57 -5.92
N VAL B 86 3.74 7.56 -5.66
CA VAL B 86 3.42 8.93 -6.02
C VAL B 86 4.46 9.67 -6.88
N ASN B 87 5.69 9.15 -7.00
CA ASN B 87 6.73 9.86 -7.78
C ASN B 87 7.81 8.96 -8.34
N GLU B 88 8.62 9.46 -9.29
CA GLU B 88 9.77 8.73 -9.76
C GLU B 88 11.00 9.12 -8.94
N LEU B 89 11.92 8.17 -8.71
CA LEU B 89 13.23 8.41 -8.07
C LEU B 89 14.38 8.04 -8.98
N PRO B 90 15.48 8.77 -8.87
CA PRO B 90 16.64 8.51 -9.74
C PRO B 90 17.54 7.39 -9.29
N PHE B 91 17.36 6.91 -8.04
CA PHE B 91 18.16 5.84 -7.52
C PHE B 91 17.39 5.35 -6.29
N ALA B 92 17.52 4.09 -5.97
CA ALA B 92 17.00 3.55 -4.70
C ALA B 92 17.61 2.19 -4.45
N GLY B 93 17.91 1.86 -3.20
CA GLY B 93 18.56 0.59 -2.86
C GLY B 93 17.77 -0.72 -2.89
N HIS B 94 16.76 -0.86 -2.02
CA HIS B 94 15.84 -2.03 -2.07
C HIS B 94 15.30 -2.38 -3.45
N PRO B 95 14.73 -1.42 -4.23
CA PRO B 95 14.19 -1.75 -5.57
C PRO B 95 15.21 -2.25 -6.52
N LEU B 96 16.39 -1.62 -6.54
CA LEU B 96 17.51 -2.16 -7.34
C LEU B 96 18.09 -3.48 -6.90
N LEU B 97 18.25 -3.73 -5.59
CA LEU B 97 18.58 -5.06 -5.12
C LEU B 97 17.61 -6.11 -5.63
N GLY B 98 16.32 -5.84 -5.43
CA GLY B 98 15.34 -6.79 -5.92
C GLY B 98 15.40 -6.91 -7.47
N THR B 99 15.56 -5.80 -8.14
CA THR B 99 15.68 -5.88 -9.61
C THR B 99 16.89 -6.77 -10.03
N ALA B 100 18.01 -6.59 -9.38
CA ALA B 100 19.21 -7.38 -9.67
C ALA B 100 18.99 -8.84 -9.41
N ILE B 101 18.37 -9.18 -8.29
CA ILE B 101 18.07 -10.61 -8.01
C ILE B 101 17.13 -11.20 -9.08
N ALA B 102 16.12 -10.44 -9.51
CA ALA B 102 15.15 -10.92 -10.47
C ALA B 102 15.83 -11.20 -11.83
N LEU B 103 16.64 -10.22 -12.27
CA LEU B 103 17.35 -10.33 -13.55
C LEU B 103 18.44 -11.36 -13.50
N GLY B 104 18.98 -11.57 -12.30
CA GLY B 104 19.92 -12.63 -12.06
C GLY B 104 19.44 -14.03 -12.42
N ALA B 105 18.14 -14.28 -12.38
CA ALA B 105 17.58 -15.56 -12.81
C ALA B 105 17.71 -15.81 -14.31
N HIS B 106 17.88 -14.76 -15.10
CA HIS B 106 17.89 -14.83 -16.58
C HIS B 106 19.35 -14.90 -17.15
N THR B 107 20.35 -14.98 -16.26
CA THR B 107 21.77 -14.95 -16.67
C THR B 107 22.67 -15.82 -15.78
N ASP B 108 23.85 -16.16 -16.31
CA ASP B 108 24.88 -16.89 -15.58
C ASP B 108 25.99 -15.95 -15.06
N ASN B 109 26.00 -14.68 -15.51
CA ASN B 109 27.05 -13.73 -15.16
C ASN B 109 27.12 -13.53 -13.63
N HIS B 110 28.31 -13.16 -13.16
CA HIS B 110 28.58 -12.91 -11.72
C HIS B 110 28.30 -11.44 -11.39
N ARG B 111 28.43 -10.55 -12.36
CA ARG B 111 28.10 -9.15 -12.14
C ARG B 111 26.98 -8.66 -13.05
N LEU B 112 26.28 -7.62 -12.63
CA LEU B 112 25.24 -7.04 -13.40
C LEU B 112 25.39 -5.54 -13.35
N TYR B 113 25.17 -4.85 -14.46
CA TYR B 113 25.31 -3.42 -14.51
C TYR B 113 23.98 -2.79 -14.87
N LEU B 114 23.39 -2.06 -13.93
CA LEU B 114 22.08 -1.44 -14.08
C LEU B 114 22.23 0.05 -14.18
N GLU B 115 21.90 0.55 -15.39
CA GLU B 115 21.79 1.96 -15.63
C GLU B 115 20.63 2.58 -14.86
N THR B 116 20.86 3.76 -14.30
CA THR B 116 19.81 4.60 -13.73
C THR B 116 20.00 6.08 -14.04
N GLN B 117 19.08 6.93 -13.62
CA GLN B 117 19.31 8.37 -13.75
C GLN B 117 20.57 8.88 -12.98
N MET B 118 21.03 8.14 -11.96
CA MET B 118 22.28 8.45 -11.23
C MET B 118 23.57 7.87 -11.85
N GLY B 119 23.47 7.15 -12.97
CA GLY B 119 24.62 6.48 -13.54
C GLY B 119 24.44 4.98 -13.46
N THR B 120 25.45 4.27 -13.91
CA THR B 120 25.41 2.81 -13.89
C THR B 120 25.78 2.25 -12.50
N ILE B 121 24.93 1.40 -11.93
CA ILE B 121 25.19 0.77 -10.65
C ILE B 121 25.67 -0.68 -10.83
N ALA B 122 26.88 -0.99 -10.34
CA ALA B 122 27.43 -2.32 -10.42
C ALA B 122 26.95 -3.21 -9.28
N PHE B 123 26.57 -4.42 -9.62
CA PHE B 123 26.16 -5.42 -8.64
C PHE B 123 27.01 -6.67 -8.74
N GLU B 124 27.25 -7.34 -7.62
CA GLU B 124 27.83 -8.67 -7.62
C GLU B 124 26.74 -9.60 -7.08
N LEU B 125 26.45 -10.64 -7.83
CA LEU B 125 25.39 -11.60 -7.55
C LEU B 125 25.94 -12.82 -6.83
N GLU B 126 25.21 -13.36 -5.86
CA GLU B 126 25.66 -14.51 -5.12
C GLU B 126 24.67 -15.62 -5.35
N ARG B 127 25.19 -16.74 -5.83
CA ARG B 127 24.37 -17.89 -6.17
C ARG B 127 24.61 -19.01 -5.14
N GLN B 128 23.63 -19.90 -5.02
CA GLN B 128 23.69 -21.06 -4.11
C GLN B 128 22.81 -22.11 -4.78
N ASN B 129 23.40 -23.28 -5.04
CA ASN B 129 22.82 -24.21 -6.01
C ASN B 129 22.77 -23.46 -7.38
N GLY B 130 21.62 -23.47 -8.07
CA GLY B 130 21.49 -22.75 -9.35
C GLY B 130 20.87 -21.34 -9.28
N SER B 131 21.07 -20.68 -8.16
CA SER B 131 20.05 -19.73 -7.74
C SER B 131 20.65 -18.48 -7.13
N VAL B 132 20.25 -17.32 -7.63
CA VAL B 132 20.68 -16.05 -7.00
C VAL B 132 19.97 -15.86 -5.66
N ILE B 133 20.71 -15.79 -4.56
CA ILE B 133 20.11 -15.62 -3.25
C ILE B 133 20.40 -14.27 -2.60
N ALA B 134 21.36 -13.50 -3.19
CA ALA B 134 21.81 -12.25 -2.61
C ALA B 134 22.63 -11.47 -3.58
N ALA B 135 22.81 -10.19 -3.27
CA ALA B 135 23.66 -9.32 -4.03
C ALA B 135 24.21 -8.15 -3.23
N SER B 136 25.31 -7.60 -3.79
CA SER B 136 25.98 -6.42 -3.27
C SER B 136 26.09 -5.34 -4.36
N MET B 137 25.87 -4.09 -4.01
CA MET B 137 25.91 -2.97 -4.92
C MET B 137 26.95 -1.92 -4.45
N ASP B 138 27.51 -1.19 -5.42
CA ASP B 138 28.24 0.02 -5.09
C ASP B 138 27.36 1.23 -5.36
N GLN B 139 26.99 1.94 -4.32
CA GLN B 139 26.06 3.06 -4.42
C GLN B 139 26.78 4.34 -4.89
N PRO B 140 26.03 5.33 -5.37
CA PRO B 140 26.61 6.65 -5.60
C PRO B 140 27.20 7.20 -4.27
N ILE B 141 28.32 7.94 -4.34
CA ILE B 141 28.85 8.59 -3.14
C ILE B 141 27.99 9.77 -2.77
N PRO B 142 27.41 9.84 -1.57
CA PRO B 142 26.55 10.96 -1.26
C PRO B 142 27.24 12.24 -0.91
N THR B 143 26.50 13.35 -1.06
CA THR B 143 26.80 14.59 -0.37
C THR B 143 25.95 14.75 0.85
N TRP B 144 26.38 15.61 1.78
CA TRP B 144 25.62 15.82 3.01
C TRP B 144 25.79 17.22 3.59
N THR B 145 24.79 17.61 4.34
CA THR B 145 24.82 18.78 5.16
C THR B 145 23.91 18.65 6.38
N ALA B 146 23.94 19.63 7.27
CA ALA B 146 22.86 19.73 8.25
C ALA B 146 21.52 20.06 7.56
N LEU B 147 20.42 19.69 8.19
CA LEU B 147 19.12 19.99 7.69
C LEU B 147 18.69 21.40 8.09
N GLY B 148 19.08 21.81 9.29
CA GLY B 148 18.85 23.20 9.72
C GLY B 148 17.42 23.50 10.12
N ARG B 149 16.59 22.47 10.32
CA ARG B 149 15.19 22.59 10.68
C ARG B 149 14.88 21.68 11.89
N ASP B 150 15.79 21.67 12.87
CA ASP B 150 15.76 20.68 13.97
C ASP B 150 14.50 20.84 14.74
N ALA B 151 14.13 22.07 15.06
CA ALA B 151 12.98 22.25 15.91
C ALA B 151 11.73 21.69 15.25
N GLU B 152 11.57 22.02 13.97
CA GLU B 152 10.36 21.60 13.24
C GLU B 152 10.29 20.06 13.14
N LEU B 153 11.43 19.48 12.77
CA LEU B 153 11.49 18.03 12.52
C LEU B 153 11.25 17.28 13.81
N LEU B 154 11.94 17.66 14.88
CA LEU B 154 11.80 16.96 16.17
C LEU B 154 10.38 17.05 16.70
N LYS B 155 9.73 18.20 16.50
CA LYS B 155 8.30 18.31 16.84
C LYS B 155 7.42 17.33 16.13
N ALA B 156 7.61 17.25 14.82
CA ALA B 156 6.89 16.29 14.00
C ALA B 156 7.10 14.82 14.48
N LEU B 157 8.33 14.48 14.91
CA LEU B 157 8.65 13.15 15.37
C LEU B 157 8.13 12.86 16.76
N GLY B 158 7.91 13.91 17.53
CA GLY B 158 7.35 13.83 18.88
C GLY B 158 8.42 13.72 19.95
N ILE B 159 9.65 14.12 19.64
CA ILE B 159 10.76 14.08 20.57
C ILE B 159 11.47 15.43 20.72
N SER B 160 12.44 15.51 21.63
CA SER B 160 13.06 16.81 21.96
C SER B 160 14.49 17.00 21.50
N ASP B 161 15.24 15.92 21.22
CA ASP B 161 16.44 16.11 20.44
C ASP B 161 16.98 14.84 19.83
N SER B 162 18.11 14.96 19.20
CA SER B 162 18.79 13.87 18.52
C SER B 162 20.10 13.61 19.23
N THR B 163 20.56 12.36 19.18
CA THR B 163 21.83 11.99 19.81
C THR B 163 23.08 12.45 19.03
N PHE B 164 22.89 12.76 17.74
CA PHE B 164 23.90 13.27 16.86
C PHE B 164 23.32 14.41 16.01
N PRO B 165 24.20 15.20 15.41
CA PRO B 165 23.76 16.25 14.49
C PRO B 165 22.81 15.72 13.42
N ILE B 166 21.69 16.42 13.21
CA ILE B 166 20.66 16.03 12.22
C ILE B 166 21.10 16.50 10.86
N GLU B 167 21.48 15.52 10.04
CA GLU B 167 22.06 15.77 8.72
C GLU B 167 21.31 15.02 7.63
N ILE B 168 21.33 15.61 6.43
CA ILE B 168 20.67 15.10 5.21
C ILE B 168 21.69 14.79 4.14
N TYR B 169 21.60 13.56 3.60
CA TYR B 169 22.48 13.00 2.64
C TYR B 169 21.74 12.83 1.31
N HIS B 170 22.44 13.02 0.18
CA HIS B 170 21.83 12.95 -1.18
C HIS B 170 22.61 11.96 -2.00
N ASN B 171 21.92 10.90 -2.43
CA ASN B 171 22.44 9.97 -3.43
C ASN B 171 21.45 9.72 -4.60
N GLY B 172 20.60 10.70 -4.84
CA GLY B 172 19.48 10.63 -5.74
C GLY B 172 18.31 11.10 -4.98
N PRO B 173 17.76 10.20 -4.14
CA PRO B 173 16.82 10.60 -3.14
C PRO B 173 17.66 11.29 -2.06
N ARG B 174 16.98 11.81 -1.05
CA ARG B 174 17.60 12.39 0.16
C ARG B 174 17.12 11.65 1.44
N HIS B 175 18.06 11.47 2.36
CA HIS B 175 17.82 10.79 3.64
C HIS B 175 18.37 11.64 4.81
N VAL B 176 17.50 12.04 5.70
CA VAL B 176 17.80 12.65 6.99
C VAL B 176 18.01 11.57 8.06
N PHE B 177 18.99 11.77 8.93
CA PHE B 177 19.21 10.88 10.10
C PHE B 177 19.02 11.58 11.48
N VAL B 178 18.18 10.97 12.33
CA VAL B 178 17.84 11.41 13.67
C VAL B 178 18.15 10.25 14.62
N GLY B 179 19.03 10.50 15.60
CA GLY B 179 19.47 9.43 16.50
C GLY B 179 18.67 9.38 17.78
N LEU B 180 18.39 8.14 18.21
CA LEU B 180 17.59 7.88 19.37
C LEU B 180 18.47 7.16 20.43
N PRO B 181 18.22 7.46 21.70
CA PRO B 181 19.12 7.01 22.80
C PRO B 181 19.01 5.48 23.14
N SER B 182 17.88 4.86 22.76
CA SER B 182 17.65 3.44 22.94
C SER B 182 16.70 2.86 21.87
N ILE B 183 16.73 1.53 21.70
CA ILE B 183 15.75 0.87 20.83
C ILE B 183 14.34 1.04 21.34
N ASP B 184 14.12 1.00 22.67
CA ASP B 184 12.80 1.25 23.23
C ASP B 184 12.27 2.67 22.79
N ALA B 185 13.15 3.66 22.83
CA ALA B 185 12.75 5.03 22.46
C ALA B 185 12.43 5.09 20.95
N LEU B 186 13.20 4.35 20.18
CA LEU B 186 12.95 4.26 18.74
C LEU B 186 11.57 3.61 18.46
N SER B 187 11.31 2.47 19.07
CA SER B 187 9.99 1.81 18.89
C SER B 187 8.80 2.61 19.40
N ALA B 188 9.06 3.55 20.31
CA ALA B 188 8.00 4.35 20.90
C ALA B 188 7.55 5.51 20.03
N LEU B 189 8.32 5.86 18.98
CA LEU B 189 7.93 6.95 18.07
C LEU B 189 6.55 6.72 17.45
N HIS B 190 5.74 7.77 17.45
CA HIS B 190 4.42 7.79 16.80
C HIS B 190 4.39 9.14 16.05
N PRO B 191 5.00 9.26 14.87
CA PRO B 191 5.17 10.59 14.26
C PRO B 191 3.86 11.09 13.67
N ASP B 192 3.84 12.40 13.50
CA ASP B 192 2.76 13.14 12.84
C ASP B 192 3.08 13.23 11.33
N HIS B 193 2.48 12.31 10.59
CA HIS B 193 2.67 12.11 9.14
C HIS B 193 2.37 13.43 8.42
N ARG B 194 1.31 14.12 8.83
CA ARG B 194 0.93 15.39 8.17
C ARG B 194 2.03 16.44 8.33
N ALA B 195 2.57 16.58 9.53
CA ALA B 195 3.63 17.56 9.77
C ALA B 195 4.88 17.14 9.01
N LEU B 196 5.09 15.83 8.88
CA LEU B 196 6.27 15.39 8.14
C LEU B 196 6.11 15.70 6.67
N SER B 197 4.89 15.86 6.16
N SER B 197 4.88 15.84 6.17
CA SER B 197 4.70 16.12 4.72
CA SER B 197 4.66 16.13 4.75
C SER B 197 5.25 17.50 4.31
C SER B 197 5.24 17.49 4.32
N ASN B 198 5.55 18.35 5.29
CA ASN B 198 6.24 19.62 4.99
C ASN B 198 7.73 19.48 4.68
N PHE B 199 8.25 18.25 4.79
CA PHE B 199 9.59 17.88 4.40
C PHE B 199 9.53 17.21 3.03
N HIS B 200 9.77 18.03 2.00
CA HIS B 200 9.69 17.57 0.61
C HIS B 200 10.93 16.87 0.12
N ASP B 201 10.73 15.91 -0.79
CA ASP B 201 11.83 15.24 -1.42
C ASP B 201 12.87 14.73 -0.42
N MET B 202 12.37 14.03 0.59
CA MET B 202 13.28 13.33 1.52
C MET B 202 12.55 12.28 2.34
N ALA B 203 13.36 11.41 2.96
CA ALA B 203 12.86 10.41 3.94
C ALA B 203 13.53 10.67 5.28
N ILE B 204 12.82 10.40 6.34
CA ILE B 204 13.32 10.63 7.70
C ILE B 204 13.63 9.25 8.31
N ASN B 205 14.93 8.98 8.49
CA ASN B 205 15.47 7.76 9.02
C ASN B 205 15.88 7.95 10.51
N CYS B 206 15.22 7.25 11.40
CA CYS B 206 15.48 7.27 12.83
C CYS B 206 16.22 6.00 13.26
N PHE B 207 17.27 6.14 14.05
CA PHE B 207 18.17 5.02 14.27
C PHE B 207 18.57 4.91 15.76
N ALA B 208 18.96 3.71 16.16
CA ALA B 208 19.47 3.42 17.53
C ALA B 208 20.25 2.16 17.50
N GLY B 209 21.15 1.95 18.48
CA GLY B 209 21.96 0.73 18.50
C GLY B 209 23.39 1.01 18.97
N ALA B 210 24.33 0.24 18.50
CA ALA B 210 25.70 0.30 18.98
C ALA B 210 26.63 -0.61 18.22
N GLY B 211 27.86 -0.14 17.92
CA GLY B 211 28.87 -0.98 17.30
C GLY B 211 28.51 -1.50 15.90
N ARG B 212 28.40 -2.82 15.73
CA ARG B 212 28.04 -3.40 14.42
C ARG B 212 26.52 -3.63 14.26
N ARG B 213 25.72 -3.25 15.25
CA ARG B 213 24.28 -3.56 15.29
C ARG B 213 23.44 -2.32 15.48
N TRP B 214 22.63 -2.02 14.43
CA TRP B 214 21.75 -0.85 14.41
C TRP B 214 20.33 -1.21 14.00
N ARG B 215 19.38 -0.51 14.58
CA ARG B 215 17.96 -0.57 14.24
C ARG B 215 17.58 0.80 13.60
N SER B 216 16.69 0.74 12.60
CA SER B 216 16.17 1.90 11.90
C SER B 216 14.65 1.83 11.73
N ARG B 217 14.04 3.01 11.66
CA ARG B 217 12.67 3.19 11.18
C ARG B 217 12.68 4.38 10.19
N MET B 218 12.03 4.19 9.04
CA MET B 218 11.92 5.26 8.03
C MET B 218 10.46 5.67 7.76
N PHE B 219 10.26 7.00 7.66
CA PHE B 219 8.99 7.66 7.45
C PHE B 219 9.14 8.65 6.27
N SER B 220 8.22 8.60 5.30
CA SER B 220 8.35 9.52 4.15
C SER B 220 7.01 9.78 3.35
N PRO B 221 6.22 10.74 3.80
CA PRO B 221 5.05 11.19 3.00
C PRO B 221 5.53 11.69 1.62
N ALA B 222 6.69 12.33 1.54
CA ALA B 222 7.22 12.73 0.24
C ALA B 222 7.39 11.58 -0.81
N TYR B 223 7.77 10.40 -0.30
CA TYR B 223 7.97 9.24 -1.18
C TYR B 223 6.79 8.27 -1.08
N GLY B 224 5.68 8.76 -0.59
CA GLY B 224 4.44 8.01 -0.57
C GLY B 224 4.29 6.82 0.38
N VAL B 225 5.02 6.84 1.50
CA VAL B 225 5.03 5.72 2.46
C VAL B 225 4.95 6.28 3.89
N VAL B 226 3.98 5.82 4.67
CA VAL B 226 3.89 6.16 6.08
C VAL B 226 5.14 5.65 6.79
N GLU B 227 5.47 4.36 6.61
CA GLU B 227 6.67 3.74 7.15
C GLU B 227 7.20 2.65 6.20
N ASP B 228 8.44 2.81 5.76
CA ASP B 228 9.06 1.82 4.88
C ASP B 228 9.77 0.72 5.66
N ALA B 229 9.74 -0.51 5.11
CA ALA B 229 10.37 -1.66 5.72
C ALA B 229 11.86 -1.77 5.56
N ALA B 230 12.43 -1.31 4.41
CA ALA B 230 13.88 -1.40 4.23
C ALA B 230 14.36 -0.36 3.20
N THR B 231 15.13 0.64 3.63
CA THR B 231 15.46 1.80 2.83
C THR B 231 16.93 1.62 2.49
N GLY B 232 17.18 0.88 1.38
CA GLY B 232 18.50 0.47 0.96
C GLY B 232 19.43 1.66 0.66
N SER B 233 18.85 2.72 0.05
CA SER B 233 19.58 3.98 -0.21
C SER B 233 19.95 4.76 1.04
N ALA B 234 19.31 4.45 2.19
CA ALA B 234 19.70 5.01 3.49
C ALA B 234 20.77 4.20 4.23
N ALA B 235 20.98 2.93 3.85
CA ALA B 235 21.96 2.09 4.59
C ALA B 235 23.42 2.60 4.43
N GLY B 236 23.79 2.92 3.18
CA GLY B 236 25.13 3.45 2.86
C GLY B 236 25.46 4.76 3.56
N PRO B 237 24.63 5.78 3.37
CA PRO B 237 24.73 7.01 4.16
C PRO B 237 24.76 6.84 5.71
N LEU B 238 23.97 5.94 6.31
CA LEU B 238 24.06 5.71 7.74
C LEU B 238 25.40 5.16 8.16
N ALA B 239 25.98 4.25 7.39
CA ALA B 239 27.31 3.80 7.70
C ALA B 239 28.30 4.97 7.71
N ILE B 240 28.20 5.86 6.70
CA ILE B 240 29.05 7.08 6.66
C ILE B 240 28.86 7.99 7.90
N HIS B 241 27.61 8.23 8.25
CA HIS B 241 27.21 9.08 9.34
C HIS B 241 27.77 8.52 10.66
N LEU B 242 27.64 7.21 10.86
CA LEU B 242 28.12 6.58 12.09
C LEU B 242 29.64 6.71 12.15
N ALA B 243 30.31 6.61 11.01
CA ALA B 243 31.78 6.69 10.98
C ALA B 243 32.18 8.12 11.26
N ARG B 244 31.50 9.08 10.62
CA ARG B 244 31.79 10.49 10.81
C ARG B 244 31.69 10.89 12.26
N HIS B 245 30.70 10.30 12.94
CA HIS B 245 30.45 10.63 14.33
C HIS B 245 31.07 9.69 15.39
N GLY B 246 32.06 8.92 14.96
CA GLY B 246 32.99 8.16 15.84
C GLY B 246 32.36 6.94 16.54
N GLN B 247 31.27 6.41 15.98
CA GLN B 247 30.60 5.25 16.56
C GLN B 247 31.14 3.98 15.96
N ILE B 248 31.65 4.03 14.73
CA ILE B 248 32.38 2.94 14.10
C ILE B 248 33.55 3.53 13.33
N GLU B 249 34.40 2.67 12.78
CA GLU B 249 35.56 3.12 11.98
C GLU B 249 35.15 3.00 10.49
N PHE B 250 35.72 3.84 9.66
CA PHE B 250 35.51 3.70 8.24
C PHE B 250 35.97 2.33 7.83
N GLY B 251 35.22 1.69 6.94
CA GLY B 251 35.59 0.35 6.50
C GLY B 251 34.97 -0.78 7.36
N GLN B 252 34.41 -0.43 8.49
CA GLN B 252 33.78 -1.43 9.43
C GLN B 252 32.37 -1.77 8.89
N PRO B 253 32.08 -3.02 8.59
CA PRO B 253 30.72 -3.42 8.18
C PRO B 253 29.71 -3.37 9.33
N VAL B 254 28.52 -2.89 9.01
CA VAL B 254 27.44 -2.87 10.00
C VAL B 254 26.20 -3.61 9.50
N GLU B 255 25.36 -3.99 10.47
CA GLU B 255 24.08 -4.65 10.18
C GLU B 255 23.00 -3.67 10.61
N ILE B 256 22.09 -3.34 9.70
CA ILE B 256 20.99 -2.43 9.99
C ILE B 256 19.69 -3.18 9.85
N LEU B 257 18.99 -3.35 10.97
CA LEU B 257 17.68 -3.98 11.01
C LEU B 257 16.54 -2.98 11.01
N GLN B 258 15.69 -3.01 9.98
CA GLN B 258 14.59 -2.09 9.78
C GLN B 258 13.22 -2.82 9.69
N GLY B 259 12.15 -2.10 9.99
CA GLY B 259 10.85 -2.71 9.78
C GLY B 259 10.28 -3.58 10.89
N VAL B 260 10.94 -3.68 12.03
CA VAL B 260 10.47 -4.59 13.11
C VAL B 260 9.08 -4.22 13.61
N GLU B 261 8.86 -2.95 13.92
CA GLU B 261 7.61 -2.45 14.49
C GLU B 261 6.40 -2.63 13.56
N ILE B 262 6.63 -2.65 12.26
CA ILE B 262 5.55 -2.86 11.34
C ILE B 262 5.39 -4.31 10.87
N GLY B 263 6.16 -5.23 11.46
CA GLY B 263 6.01 -6.64 11.11
C GLY B 263 6.71 -7.04 9.83
N ARG B 264 7.67 -6.23 9.37
CA ARG B 264 8.43 -6.53 8.19
C ARG B 264 9.98 -6.41 8.42
N PRO B 265 10.52 -7.24 9.32
CA PRO B 265 11.95 -7.20 9.64
C PRO B 265 12.79 -7.45 8.39
N SER B 266 13.77 -6.59 8.21
CA SER B 266 14.63 -6.51 7.01
C SER B 266 16.10 -6.22 7.44
N LEU B 267 17.04 -7.05 7.01
N LEU B 267 17.04 -7.05 6.98
CA LEU B 267 18.44 -6.90 7.33
CA LEU B 267 18.45 -6.94 7.33
C LEU B 267 19.28 -6.36 6.18
C LEU B 267 19.30 -6.37 6.18
N MET B 268 19.86 -5.16 6.36
CA MET B 268 20.76 -4.56 5.38
C MET B 268 22.20 -4.57 5.94
N PHE B 269 23.18 -4.87 5.09
CA PHE B 269 24.58 -4.87 5.42
C PHE B 269 25.22 -3.74 4.65
N ALA B 270 25.98 -2.89 5.33
CA ALA B 270 26.61 -1.70 4.69
C ALA B 270 28.08 -1.49 5.17
N LYS B 271 28.92 -0.92 4.31
CA LYS B 271 30.31 -0.58 4.64
C LYS B 271 30.65 0.67 3.81
N ALA B 272 31.28 1.68 4.42
CA ALA B 272 31.72 2.88 3.70
C ALA B 272 33.22 3.00 3.87
N GLU B 273 33.96 3.00 2.75
CA GLU B 273 35.41 2.87 2.75
C GLU B 273 36.04 4.18 2.33
N GLY B 274 37.21 4.47 2.94
CA GLY B 274 37.99 5.68 2.67
C GLY B 274 38.00 6.55 3.90
N ARG B 275 37.83 7.85 3.69
N ARG B 275 37.79 7.84 3.73
CA ARG B 275 37.69 8.89 4.73
CA ARG B 275 37.53 8.71 4.87
C ARG B 275 36.61 9.87 4.35
C ARG B 275 36.60 9.83 4.39
N ALA B 276 36.15 10.67 5.31
CA ALA B 276 35.10 11.64 5.04
C ALA B 276 35.35 12.52 3.79
N GLU B 277 36.61 12.96 3.62
CA GLU B 277 37.01 13.92 2.56
C GLU B 277 37.11 13.20 1.19
N GLN B 278 37.14 11.87 1.22
CA GLN B 278 37.32 11.05 0.01
C GLN B 278 36.83 9.61 0.23
N LEU B 279 35.53 9.35 -0.03
CA LEU B 279 34.99 7.98 0.06
C LEU B 279 35.28 7.27 -1.19
N THR B 280 35.88 6.10 -1.10
CA THR B 280 36.21 5.32 -2.27
C THR B 280 35.18 4.27 -2.68
N ARG B 281 34.34 3.84 -1.73
CA ARG B 281 33.28 2.86 -1.99
C ARG B 281 32.22 2.87 -0.91
N VAL B 282 30.93 2.86 -1.29
CA VAL B 282 29.84 2.76 -0.34
C VAL B 282 29.06 1.52 -0.78
N GLU B 283 29.28 0.40 -0.08
CA GLU B 283 28.73 -0.90 -0.47
C GLU B 283 27.50 -1.23 0.44
N VAL B 284 26.43 -1.70 -0.18
CA VAL B 284 25.25 -2.19 0.53
C VAL B 284 24.85 -3.53 -0.07
N SER B 285 24.56 -4.52 0.79
CA SER B 285 24.21 -5.83 0.34
C SER B 285 23.09 -6.43 1.16
N GLY B 286 22.57 -7.52 0.62
CA GLY B 286 21.48 -8.24 1.26
C GLY B 286 20.96 -9.44 0.48
N ASN B 287 20.27 -10.28 1.23
CA ASN B 287 19.54 -11.44 0.67
C ASN B 287 18.26 -10.90 -0.02
N GLY B 288 17.76 -11.71 -0.95
CA GLY B 288 16.40 -11.60 -1.46
C GLY B 288 15.81 -12.92 -1.92
N VAL B 289 14.48 -12.94 -2.04
N VAL B 289 14.48 -13.03 -1.86
CA VAL B 289 13.74 -14.16 -2.31
CA VAL B 289 13.77 -14.19 -2.40
C VAL B 289 12.48 -13.80 -3.12
C VAL B 289 12.51 -13.77 -3.17
N THR B 290 12.04 -14.67 -4.02
CA THR B 290 10.83 -14.46 -4.79
C THR B 290 9.63 -14.86 -3.93
N PHE B 291 8.68 -13.95 -3.87
CA PHE B 291 7.38 -14.21 -3.25
C PHE B 291 6.33 -14.63 -4.27
N GLY B 292 6.35 -14.04 -5.49
CA GLY B 292 5.35 -14.40 -6.47
C GLY B 292 5.70 -13.91 -7.83
N ARG B 293 4.94 -14.31 -8.83
CA ARG B 293 5.11 -13.72 -10.16
C ARG B 293 3.81 -13.76 -10.94
N GLY B 294 3.74 -13.01 -12.03
CA GLY B 294 2.55 -13.02 -12.86
C GLY B 294 2.63 -12.17 -14.07
N THR B 295 1.46 -11.88 -14.61
CA THR B 295 1.31 -11.07 -15.84
C THR B 295 0.21 -10.04 -15.68
N ILE B 296 0.37 -8.88 -16.34
CA ILE B 296 -0.66 -7.83 -16.35
C ILE B 296 -1.18 -7.56 -17.76
N VAL B 297 -2.37 -7.00 -17.82
CA VAL B 297 -3.12 -6.86 -19.07
C VAL B 297 -2.80 -5.59 -19.84
N LEU B 298 -1.86 -4.78 -19.36
CA LEU B 298 -1.35 -3.71 -20.19
C LEU B 298 0.17 -3.66 -20.24
O1 HHA C . -14.65 -1.75 0.58
C HHA C . -14.92 -1.72 1.77
O2 HHA C . -16.03 -2.02 2.20
C1 HHA C . -13.84 -1.45 2.80
C6 HHA C . -14.16 -1.65 4.17
C5 HHA C . -13.25 -1.25 5.13
C4 HHA C . -12.02 -0.69 4.77
C3 HHA C . -11.46 -0.90 3.34
O3' HHA C . -10.41 0.01 3.06
C2 HHA C . -12.57 -0.74 2.32
N2 HHA C . -12.11 -1.13 0.94
O1 HHA D . 14.95 1.40 -0.77
C HHA D . 15.13 2.61 -0.90
O2 HHA D . 16.28 3.04 -1.14
C1 HHA D . 13.95 3.57 -0.85
C6 HHA D . 14.16 4.95 -1.17
C5 HHA D . 13.14 5.89 -0.94
C4 HHA D . 11.89 5.53 -0.39
C3 HHA D . 11.49 4.01 -0.41
O3' HHA D . 10.38 3.76 0.45
C2 HHA D . 12.70 3.14 -0.06
N2 HHA D . 12.44 1.69 -0.10
#